data_6LTF
#
_entry.id   6LTF
#
_cell.length_a   60.052
_cell.length_b   156.657
_cell.length_c   68.604
_cell.angle_alpha   90.000
_cell.angle_beta   90.000
_cell.angle_gamma   90.000
#
_symmetry.space_group_name_H-M   'C 2 2 21'
#
loop_
_entity.id
_entity.type
_entity.pdbx_description
1 polymer 'Isocitrate dehydrogenase'
2 non-polymer 'BENZOIC ACID'
3 water water
#
_entity_poly.entity_id   1
_entity_poly.type   'polypeptide(L)'
_entity_poly.pdbx_seq_one_letter_code
;MTQTITVIRGDGIGPEIMDATLFVLDALQAGLTYEYADAGLVALEKHGDLLPESTLASITKNKVALKSPLTTPVGEGFSS
INVAMRRKFDLYANVRPAKSFPNTKSRFADGVDLITVRENTEGAYLSEGQEVSADGEVAVSGARVTRKGSERIVRYAFDL
ARATGRKKVTAVHKANIIKSTSGLFLKVARDVATQYPEIEFQEMIVDNTCMQLVMRPEQFDIIVTTNLFGDIISDLCAGL
VGGLGLAPGANIGVDAAIFEAVHGSAPDIAGQGKANPCALLLGAAQMLDHIGQPQNAERLREAIVATLEAKDSLTPDLGG
TGNTMGFAKAIASRL
;
_entity_poly.pdbx_strand_id   A
#
loop_
_chem_comp.id
_chem_comp.type
_chem_comp.name
_chem_comp.formula
BEZ non-polymer 'BENZOIC ACID' 'C7 H6 O2'
#
# COMPACT_ATOMS: atom_id res chain seq x y z
N THR A 2 1.81 12.23 22.36
CA THR A 2 0.87 11.19 21.94
C THR A 2 0.26 11.50 20.57
N GLN A 3 -0.27 10.49 19.89
CA GLN A 3 -1.12 10.74 18.73
C GLN A 3 -2.12 9.61 18.56
N THR A 4 -3.34 9.98 18.16
CA THR A 4 -4.45 9.06 18.04
C THR A 4 -4.63 8.65 16.58
N ILE A 5 -4.87 7.36 16.35
CA ILE A 5 -5.13 6.82 15.02
C ILE A 5 -6.44 6.07 15.04
N THR A 6 -7.15 6.11 13.92
CA THR A 6 -8.37 5.32 13.77
C THR A 6 -8.04 3.88 13.44
N VAL A 7 -8.64 2.92 14.15
CA VAL A 7 -8.33 1.51 13.98
C VAL A 7 -9.59 0.80 13.53
N ILE A 8 -9.52 0.12 12.39
CA ILE A 8 -10.66 -0.61 11.85
C ILE A 8 -10.33 -2.10 11.95
N ARG A 9 -11.02 -2.81 12.85
CA ARG A 9 -10.66 -4.19 13.12
C ARG A 9 -11.15 -5.13 12.02
N GLY A 10 -12.20 -4.76 11.30
CA GLY A 10 -12.55 -5.50 10.09
C GLY A 10 -13.20 -6.85 10.32
N ASP A 11 -13.09 -7.70 9.29
CA ASP A 11 -13.85 -8.94 9.16
C ASP A 11 -12.90 -10.13 9.02
N GLY A 12 -13.41 -11.33 9.27
CA GLY A 12 -12.61 -12.53 9.02
C GLY A 12 -11.43 -12.61 9.97
N ILE A 13 -10.22 -12.74 9.41
CA ILE A 13 -8.99 -12.73 10.20
C ILE A 13 -8.61 -11.33 10.69
N GLY A 14 -9.32 -10.30 10.23
CA GLY A 14 -9.04 -8.93 10.59
C GLY A 14 -8.78 -8.68 12.07
N PRO A 15 -9.73 -9.09 12.95
CA PRO A 15 -9.53 -8.82 14.39
C PRO A 15 -8.28 -9.48 14.95
N GLU A 16 -8.00 -10.73 14.59
CA GLU A 16 -6.82 -11.43 15.08
C GLU A 16 -5.53 -10.72 14.68
N ILE A 17 -5.40 -10.38 13.39
CA ILE A 17 -4.14 -9.78 12.96
C ILE A 17 -4.03 -8.33 13.46
N MET A 18 -5.15 -7.64 13.66
CA MET A 18 -5.06 -6.31 14.26
C MET A 18 -4.63 -6.40 15.73
N ASP A 19 -5.17 -7.36 16.49
CA ASP A 19 -4.69 -7.59 17.85
C ASP A 19 -3.17 -7.78 17.87
N ALA A 20 -2.68 -8.62 16.97
CA ALA A 20 -1.23 -8.88 16.94
C ALA A 20 -0.44 -7.62 16.57
N THR A 21 -0.92 -6.86 15.59
N THR A 21 -0.92 -6.88 15.59
CA THR A 21 -0.18 -5.66 15.18
CA THR A 21 -0.24 -5.66 15.15
C THR A 21 -0.17 -4.61 16.26
C THR A 21 -0.17 -4.63 16.27
N LEU A 22 -1.29 -4.43 16.98
CA LEU A 22 -1.32 -3.45 18.06
C LEU A 22 -0.41 -3.90 19.20
N PHE A 23 -0.30 -5.22 19.43
CA PHE A 23 0.68 -5.69 20.40
C PHE A 23 2.10 -5.26 20.02
N VAL A 24 2.46 -5.45 18.74
CA VAL A 24 3.83 -5.09 18.34
C VAL A 24 4.04 -3.58 18.42
N LEU A 25 3.01 -2.80 18.05
CA LEU A 25 3.14 -1.35 18.10
C LEU A 25 3.35 -0.87 19.53
N ASP A 26 2.62 -1.48 20.49
CA ASP A 26 2.85 -1.17 21.90
C ASP A 26 4.25 -1.60 22.33
N ALA A 27 4.73 -2.76 21.88
CA ALA A 27 6.07 -3.18 22.25
C ALA A 27 7.12 -2.24 21.69
N LEU A 28 6.84 -1.60 20.56
CA LEU A 28 7.73 -0.59 20.00
C LEU A 28 7.70 0.71 20.79
N GLN A 29 6.69 0.89 21.63
CA GLN A 29 6.40 2.18 22.28
C GLN A 29 6.29 3.27 21.23
N ALA A 30 5.49 3.00 20.20
CA ALA A 30 5.19 4.00 19.19
C ALA A 30 4.43 5.19 19.76
N GLY A 31 3.96 5.11 21.00
CA GLY A 31 3.29 6.24 21.60
C GLY A 31 1.91 6.53 21.06
N LEU A 32 1.25 5.55 20.46
CA LEU A 32 -0.04 5.78 19.84
C LEU A 32 -1.17 5.37 20.78
N THR A 33 -2.31 6.03 20.60
CA THR A 33 -3.57 5.60 21.20
C THR A 33 -4.55 5.29 20.08
N TYR A 34 -5.46 4.36 20.36
CA TYR A 34 -6.31 3.77 19.33
C TYR A 34 -7.76 4.16 19.54
N GLU A 35 -8.40 4.62 18.47
CA GLU A 35 -9.83 4.90 18.45
C GLU A 35 -10.46 3.97 17.41
N TYR A 36 -11.45 3.19 17.84
CA TYR A 36 -11.99 2.12 17.01
C TYR A 36 -13.18 2.61 16.19
N ALA A 37 -13.24 2.17 14.93
CA ALA A 37 -14.34 2.48 14.04
C ALA A 37 -14.70 1.24 13.23
N ASP A 38 -15.95 1.21 12.77
CA ASP A 38 -16.51 0.07 12.06
C ASP A 38 -16.56 0.31 10.56
N ALA A 39 -16.22 -0.73 9.80
CA ALA A 39 -16.42 -0.72 8.36
C ALA A 39 -16.58 -2.17 7.92
N GLY A 40 -17.17 -2.35 6.74
CA GLY A 40 -17.38 -3.70 6.23
C GLY A 40 -18.58 -4.36 6.88
N LEU A 41 -18.52 -5.71 6.92
CA LEU A 41 -19.66 -6.50 7.38
C LEU A 41 -20.18 -6.03 8.74
N VAL A 42 -19.28 -5.86 9.71
CA VAL A 42 -19.69 -5.49 11.06
C VAL A 42 -20.44 -4.16 11.05
N ALA A 43 -20.01 -3.22 10.22
CA ALA A 43 -20.75 -1.96 10.15
C ALA A 43 -22.13 -2.19 9.54
N LEU A 44 -22.19 -2.93 8.43
CA LEU A 44 -23.45 -3.18 7.74
C LEU A 44 -24.47 -3.81 8.67
N GLU A 45 -24.05 -4.81 9.45
CA GLU A 45 -24.94 -5.45 10.40
C GLU A 45 -25.38 -4.49 11.50
N LYS A 46 -24.46 -3.65 12.00
CA LYS A 46 -24.73 -3.00 13.28
C LYS A 46 -25.06 -1.50 13.16
N HIS A 47 -24.69 -0.88 12.06
CA HIS A 47 -24.94 0.54 11.88
C HIS A 47 -25.66 0.86 10.58
N GLY A 48 -26.00 -0.13 9.77
CA GLY A 48 -26.78 0.06 8.58
C GLY A 48 -26.00 0.40 7.32
N ASP A 49 -24.67 0.53 7.40
CA ASP A 49 -23.87 1.01 6.27
C ASP A 49 -22.51 0.35 6.33
N LEU A 50 -22.03 -0.10 5.17
CA LEU A 50 -20.67 -0.62 5.04
C LEU A 50 -19.63 0.39 5.51
N LEU A 51 -19.95 1.68 5.42
CA LEU A 51 -18.99 2.76 5.67
C LEU A 51 -19.74 3.90 6.35
N PRO A 52 -19.86 3.87 7.68
CA PRO A 52 -20.68 4.85 8.37
C PRO A 52 -20.02 6.22 8.45
N GLU A 53 -20.86 7.24 8.65
CA GLU A 53 -20.37 8.61 8.69
C GLU A 53 -19.55 8.86 9.95
N SER A 54 -19.77 8.08 11.01
CA SER A 54 -18.97 8.21 12.22
C SER A 54 -17.55 7.73 11.98
N THR A 55 -17.39 6.70 11.14
CA THR A 55 -16.06 6.22 10.80
C THR A 55 -15.33 7.21 9.91
N LEU A 56 -16.03 7.76 8.91
CA LEU A 56 -15.48 8.84 8.11
C LEU A 56 -15.07 10.02 8.99
N ALA A 57 -15.88 10.37 9.99
CA ALA A 57 -15.56 11.49 10.86
C ALA A 57 -14.36 11.18 11.75
N SER A 58 -14.24 9.92 12.20
CA SER A 58 -13.06 9.50 12.94
C SER A 58 -11.80 9.69 12.09
N ILE A 59 -11.86 9.25 10.84
CA ILE A 59 -10.70 9.38 9.96
C ILE A 59 -10.38 10.85 9.67
N THR A 60 -11.43 11.64 9.41
CA THR A 60 -11.26 13.08 9.21
C THR A 60 -10.56 13.72 10.40
N LYS A 61 -10.96 13.36 11.62
CA LYS A 61 -10.39 13.96 12.81
C LYS A 61 -8.94 13.52 13.02
N ASN A 62 -8.69 12.21 12.92
CA ASN A 62 -7.37 11.70 13.26
C ASN A 62 -6.40 11.79 12.10
N LYS A 63 -6.90 11.78 10.85
CA LYS A 63 -6.15 11.88 9.60
C LYS A 63 -5.30 10.64 9.31
N VAL A 64 -5.29 9.64 10.19
CA VAL A 64 -4.52 8.42 9.99
C VAL A 64 -5.38 7.24 10.41
N ALA A 65 -5.49 6.23 9.55
CA ALA A 65 -6.21 5.00 9.88
C ALA A 65 -5.39 3.76 9.57
N LEU A 66 -5.51 2.76 10.43
CA LEU A 66 -4.94 1.43 10.24
C LEU A 66 -6.10 0.47 10.07
N LYS A 67 -6.14 -0.22 8.93
CA LYS A 67 -7.36 -0.89 8.48
C LYS A 67 -7.10 -2.35 8.19
N SER A 68 -7.76 -3.25 8.95
CA SER A 68 -7.77 -4.68 8.65
C SER A 68 -8.61 -4.99 7.42
N PRO A 69 -8.51 -6.21 6.87
CA PRO A 69 -9.33 -6.53 5.69
C PRO A 69 -10.81 -6.53 6.01
N LEU A 70 -11.59 -6.17 5.00
CA LEU A 70 -13.04 -6.09 5.11
C LEU A 70 -13.68 -7.02 4.09
N THR A 71 -14.88 -7.49 4.43
CA THR A 71 -15.69 -8.33 3.54
C THR A 71 -16.82 -7.48 2.97
N THR A 72 -16.97 -7.49 1.64
CA THR A 72 -18.12 -6.83 1.00
C THR A 72 -18.99 -7.87 0.34
N PRO A 73 -20.27 -7.97 0.70
CA PRO A 73 -21.14 -8.99 0.11
C PRO A 73 -21.27 -8.82 -1.40
N VAL A 74 -21.55 -9.94 -2.08
CA VAL A 74 -21.67 -9.96 -3.54
C VAL A 74 -23.15 -10.08 -3.90
N GLY A 75 -23.50 -9.54 -5.06
CA GLY A 75 -24.84 -9.69 -5.60
C GLY A 75 -25.84 -8.63 -5.14
N GLU A 76 -25.42 -7.67 -4.32
CA GLU A 76 -26.32 -6.68 -3.76
C GLU A 76 -25.99 -5.26 -4.21
N GLY A 77 -25.15 -5.10 -5.23
CA GLY A 77 -24.85 -3.78 -5.75
C GLY A 77 -24.00 -2.91 -4.85
N PHE A 78 -23.33 -3.49 -3.86
CA PHE A 78 -22.49 -2.70 -2.96
C PHE A 78 -21.32 -2.10 -3.72
N SER A 79 -20.98 -0.86 -3.36
CA SER A 79 -19.88 -0.12 -3.97
C SER A 79 -18.57 -0.41 -3.24
N SER A 80 -17.46 -0.34 -3.97
CA SER A 80 -16.14 -0.57 -3.38
C SER A 80 -15.87 0.40 -2.23
N ILE A 81 -15.48 -0.15 -1.09
CA ILE A 81 -15.19 0.68 0.07
C ILE A 81 -13.93 1.52 -0.18
N ASN A 82 -12.90 0.90 -0.77
CA ASN A 82 -11.66 1.64 -1.01
C ASN A 82 -11.88 2.78 -1.98
N VAL A 83 -12.75 2.59 -2.98
CA VAL A 83 -13.06 3.66 -3.93
C VAL A 83 -13.77 4.81 -3.22
N ALA A 84 -14.73 4.48 -2.37
CA ALA A 84 -15.45 5.51 -1.62
C ALA A 84 -14.49 6.32 -0.76
N MET A 85 -13.53 5.66 -0.11
CA MET A 85 -12.58 6.38 0.73
C MET A 85 -11.65 7.25 -0.12
N ARG A 86 -11.22 6.74 -1.28
CA ARG A 86 -10.36 7.53 -2.17
C ARG A 86 -11.08 8.79 -2.64
N ARG A 87 -12.35 8.68 -3.03
CA ARG A 87 -13.09 9.85 -3.46
C ARG A 87 -13.32 10.80 -2.28
N LYS A 88 -13.65 10.24 -1.11
CA LYS A 88 -13.96 11.07 0.05
C LYS A 88 -12.76 11.93 0.46
N PHE A 89 -11.58 11.33 0.51
CA PHE A 89 -10.40 11.97 1.07
C PHE A 89 -9.37 12.41 0.05
N ASP A 90 -9.68 12.30 -1.25
CA ASP A 90 -8.76 12.61 -2.34
C ASP A 90 -7.40 11.95 -2.11
N LEU A 91 -7.44 10.61 -2.05
CA LEU A 91 -6.27 9.80 -1.72
C LEU A 91 -5.46 9.55 -3.01
N TYR A 92 -4.59 10.50 -3.34
CA TYR A 92 -3.99 10.49 -4.66
C TYR A 92 -2.75 9.61 -4.78
N ALA A 93 -2.16 9.15 -3.67
CA ALA A 93 -0.94 8.34 -3.71
C ALA A 93 -1.24 6.93 -3.23
N ASN A 94 -1.15 5.95 -4.14
CA ASN A 94 -1.29 4.53 -3.82
C ASN A 94 0.13 3.98 -3.73
N VAL A 95 0.54 3.56 -2.53
N VAL A 95 0.58 3.62 -2.53
CA VAL A 95 1.95 3.31 -2.22
CA VAL A 95 1.99 3.34 -2.31
C VAL A 95 2.14 1.85 -1.83
C VAL A 95 2.16 1.89 -1.86
N ARG A 96 2.97 1.14 -2.59
CA ARG A 96 3.13 -0.32 -2.42
C ARG A 96 4.58 -0.72 -2.29
N PRO A 97 5.05 -1.07 -1.10
CA PRO A 97 6.42 -1.59 -0.93
C PRO A 97 6.55 -3.04 -1.38
N ALA A 98 7.67 -3.37 -2.04
CA ALA A 98 8.03 -4.74 -2.40
C ALA A 98 9.42 -5.05 -1.86
N LYS A 99 9.51 -5.95 -0.88
CA LYS A 99 10.76 -6.20 -0.16
C LYS A 99 10.97 -7.71 -0.01
N SER A 100 12.20 -8.17 -0.24
CA SER A 100 12.55 -9.57 -0.06
C SER A 100 12.67 -9.91 1.42
N PHE A 101 12.10 -11.07 1.81
CA PHE A 101 12.26 -11.63 3.15
C PHE A 101 12.69 -13.09 3.04
N PRO A 102 13.49 -13.57 3.99
CA PRO A 102 13.95 -14.96 3.90
C PRO A 102 12.82 -15.92 4.21
N ASN A 103 12.90 -17.10 3.58
CA ASN A 103 11.98 -18.22 3.86
C ASN A 103 10.51 -17.86 3.66
N THR A 104 10.21 -17.12 2.59
CA THR A 104 8.84 -16.65 2.35
C THR A 104 8.35 -16.98 0.94
N LYS A 105 8.79 -18.11 0.39
CA LYS A 105 8.68 -18.41 -1.03
C LYS A 105 9.54 -17.41 -1.81
N SER A 106 9.52 -17.46 -3.13
CA SER A 106 10.75 -17.05 -3.80
C SER A 106 10.68 -16.06 -4.95
N ARG A 107 10.88 -16.57 -6.18
CA ARG A 107 11.75 -15.88 -7.14
C ARG A 107 12.98 -15.52 -6.32
N PHE A 108 13.71 -16.55 -5.85
CA PHE A 108 14.72 -16.29 -4.83
C PHE A 108 16.08 -16.04 -5.45
N ALA A 109 17.03 -15.78 -4.56
CA ALA A 109 17.84 -14.57 -4.58
C ALA A 109 16.96 -13.48 -3.97
N ASP A 110 17.50 -12.75 -3.01
CA ASP A 110 16.78 -11.68 -2.35
C ASP A 110 17.26 -10.34 -2.89
N GLY A 111 17.29 -9.31 -2.06
CA GLY A 111 17.80 -8.02 -2.46
C GLY A 111 16.81 -7.08 -3.09
N VAL A 112 15.54 -7.49 -3.25
CA VAL A 112 14.52 -6.55 -3.68
C VAL A 112 14.15 -5.65 -2.51
N ASP A 113 14.14 -4.34 -2.74
CA ASP A 113 13.71 -3.38 -1.73
C ASP A 113 13.25 -2.10 -2.40
N LEU A 114 12.04 -2.09 -2.96
CA LEU A 114 11.58 -0.95 -3.74
C LEU A 114 10.19 -0.54 -3.26
N ILE A 115 9.74 0.63 -3.72
CA ILE A 115 8.40 1.11 -3.45
C ILE A 115 7.79 1.66 -4.74
N THR A 116 6.58 1.22 -5.07
CA THR A 116 5.85 1.77 -6.23
C THR A 116 4.86 2.82 -5.74
N VAL A 117 5.04 4.06 -6.23
CA VAL A 117 4.15 5.20 -5.97
C VAL A 117 3.30 5.43 -7.22
N ARG A 118 2.01 5.15 -7.09
CA ARG A 118 1.07 5.15 -8.20
C ARG A 118 0.09 6.30 -8.04
N GLU A 119 0.02 7.18 -9.06
CA GLU A 119 -1.00 8.23 -9.07
C GLU A 119 -2.39 7.58 -9.15
N ASN A 120 -3.33 8.00 -8.28
CA ASN A 120 -4.56 7.23 -8.11
C ASN A 120 -5.85 8.04 -8.33
N THR A 121 -5.78 9.24 -8.92
CA THR A 121 -7.01 10.03 -9.15
C THR A 121 -7.27 10.39 -10.61
N GLU A 122 -6.30 10.25 -11.51
CA GLU A 122 -6.54 10.57 -12.93
C GLU A 122 -5.90 9.52 -13.83
N GLY A 123 -5.33 9.91 -14.97
CA GLY A 123 -4.76 8.91 -15.85
C GLY A 123 -5.84 8.18 -16.63
N ALA A 124 -5.58 6.90 -16.93
CA ALA A 124 -6.44 6.14 -17.86
C ALA A 124 -7.58 5.38 -17.19
N TYR A 125 -7.77 5.51 -15.88
CA TYR A 125 -8.74 4.71 -15.15
C TYR A 125 -9.97 5.50 -14.71
N LEU A 126 -10.27 6.60 -15.38
CA LEU A 126 -11.41 7.42 -15.01
C LEU A 126 -12.71 6.84 -15.55
N SER A 127 -13.80 7.04 -14.80
CA SER A 127 -15.12 6.68 -15.30
C SER A 127 -15.53 7.57 -16.48
N GLU A 128 -15.17 8.86 -16.42
CA GLU A 128 -15.51 9.79 -17.48
C GLU A 128 -14.79 9.44 -18.78
N GLY A 129 -15.51 9.58 -19.89
CA GLY A 129 -14.95 9.33 -21.19
C GLY A 129 -15.21 7.96 -21.77
N GLN A 130 -15.93 7.10 -21.04
CA GLN A 130 -16.20 5.73 -21.48
C GLN A 130 -17.56 5.66 -22.15
N GLU A 131 -17.58 5.22 -23.40
CA GLU A 131 -18.87 5.00 -24.08
C GLU A 131 -18.72 3.92 -25.15
N VAL A 132 -19.79 3.15 -25.34
CA VAL A 132 -19.90 2.21 -26.45
C VAL A 132 -21.04 2.69 -27.34
N SER A 133 -20.80 2.70 -28.65
CA SER A 133 -21.85 3.08 -29.60
C SER A 133 -23.04 2.14 -29.49
N ALA A 134 -24.21 2.63 -29.90
CA ALA A 134 -25.45 1.85 -29.78
C ALA A 134 -25.35 0.53 -30.53
N ASP A 135 -24.72 0.52 -31.72
CA ASP A 135 -24.62 -0.71 -32.48
C ASP A 135 -23.53 -1.64 -31.98
N GLY A 136 -22.78 -1.25 -30.94
CA GLY A 136 -21.80 -2.12 -30.34
C GLY A 136 -20.50 -2.22 -31.10
N GLU A 137 -20.29 -1.42 -32.15
CA GLU A 137 -19.11 -1.58 -32.99
C GLU A 137 -17.89 -0.83 -32.46
N VAL A 138 -18.10 0.31 -31.79
CA VAL A 138 -17.01 1.21 -31.44
C VAL A 138 -17.08 1.58 -29.96
N ALA A 139 -16.00 1.34 -29.23
CA ALA A 139 -15.83 1.76 -27.84
C ALA A 139 -14.72 2.79 -27.72
N VAL A 140 -14.93 3.78 -26.85
CA VAL A 140 -13.92 4.79 -26.56
C VAL A 140 -13.76 4.89 -25.05
N SER A 141 -12.52 5.21 -24.64
CA SER A 141 -12.19 5.58 -23.28
C SER A 141 -11.15 6.68 -23.36
N GLY A 142 -10.95 7.37 -22.24
CA GLY A 142 -10.08 8.52 -22.22
C GLY A 142 -9.03 8.42 -21.13
N ALA A 143 -8.08 9.34 -21.19
CA ALA A 143 -7.15 9.55 -20.11
C ALA A 143 -6.96 11.05 -19.95
N ARG A 144 -6.79 11.50 -18.71
CA ARG A 144 -6.50 12.88 -18.43
C ARG A 144 -5.30 12.93 -17.50
N VAL A 145 -4.29 13.75 -17.85
CA VAL A 145 -3.17 14.00 -16.95
C VAL A 145 -3.08 15.50 -16.78
N THR A 146 -2.95 15.96 -15.53
CA THR A 146 -2.85 17.38 -15.27
C THR A 146 -1.51 17.73 -14.64
N ARG A 147 -1.13 19.00 -14.83
CA ARG A 147 0.05 19.51 -14.14
C ARG A 147 -0.12 19.39 -12.62
N LYS A 148 -1.29 19.76 -12.10
CA LYS A 148 -1.52 19.69 -10.65
C LYS A 148 -1.41 18.24 -10.15
N GLY A 149 -2.06 17.31 -10.84
CA GLY A 149 -2.05 15.94 -10.38
C GLY A 149 -0.69 15.29 -10.49
N SER A 150 0.02 15.55 -11.60
CA SER A 150 1.39 15.06 -11.74
C SER A 150 2.32 15.68 -10.70
N GLU A 151 2.20 16.98 -10.45
CA GLU A 151 3.11 17.62 -9.50
C GLU A 151 2.95 16.99 -8.12
N ARG A 152 1.71 16.74 -7.67
CA ARG A 152 1.56 16.24 -6.31
C ARG A 152 2.05 14.79 -6.18
N ILE A 153 1.85 13.94 -7.20
CA ILE A 153 2.33 12.57 -7.02
C ILE A 153 3.86 12.51 -7.05
N VAL A 154 4.50 13.34 -7.89
CA VAL A 154 5.95 13.27 -7.94
C VAL A 154 6.57 13.90 -6.70
N ARG A 155 5.98 15.01 -6.22
N ARG A 155 5.97 15.00 -6.21
CA ARG A 155 6.44 15.56 -4.96
CA ARG A 155 6.44 15.56 -4.96
C ARG A 155 6.32 14.54 -3.83
C ARG A 155 6.32 14.54 -3.83
N TYR A 156 5.21 13.79 -3.79
CA TYR A 156 5.06 12.75 -2.76
C TYR A 156 6.22 11.76 -2.84
N ALA A 157 6.54 11.27 -4.04
CA ALA A 157 7.63 10.32 -4.18
C ALA A 157 8.94 10.88 -3.63
N PHE A 158 9.25 12.12 -3.96
CA PHE A 158 10.54 12.66 -3.52
C PHE A 158 10.55 12.92 -2.01
N ASP A 159 9.43 13.43 -1.48
CA ASP A 159 9.30 13.62 -0.04
C ASP A 159 9.44 12.29 0.69
N LEU A 160 8.86 11.22 0.14
CA LEU A 160 9.00 9.90 0.73
C LEU A 160 10.45 9.47 0.76
N ALA A 161 11.18 9.69 -0.35
CA ALA A 161 12.60 9.38 -0.39
C ALA A 161 13.33 10.07 0.75
N ARG A 162 13.14 11.38 0.86
CA ARG A 162 13.80 12.15 1.92
C ARG A 162 13.39 11.66 3.31
N ALA A 163 12.10 11.34 3.50
CA ALA A 163 11.61 10.98 4.82
C ALA A 163 12.07 9.58 5.27
N THR A 164 12.46 8.71 4.35
CA THR A 164 12.85 7.36 4.73
C THR A 164 14.31 7.02 4.38
N GLY A 165 15.09 7.99 3.92
CA GLY A 165 16.49 7.68 3.66
C GLY A 165 16.78 6.98 2.35
N ARG A 166 15.84 6.99 1.42
CA ARG A 166 16.08 6.37 0.12
C ARG A 166 16.75 7.36 -0.82
N LYS A 167 17.28 6.83 -1.93
CA LYS A 167 18.28 7.57 -2.71
C LYS A 167 17.96 7.80 -4.18
N LYS A 168 16.89 7.20 -4.72
CA LYS A 168 16.60 7.30 -6.15
C LYS A 168 15.10 7.23 -6.40
N VAL A 169 14.62 8.09 -7.32
CA VAL A 169 13.25 8.10 -7.83
C VAL A 169 13.32 7.89 -9.34
N THR A 170 12.62 6.86 -9.83
CA THR A 170 12.55 6.57 -11.26
C THR A 170 11.14 6.89 -11.74
N ALA A 171 11.02 7.83 -12.68
CA ALA A 171 9.71 8.17 -13.24
C ALA A 171 9.47 7.33 -14.49
N VAL A 172 8.32 6.66 -14.55
CA VAL A 172 8.07 5.66 -15.60
C VAL A 172 6.97 6.17 -16.52
N HIS A 173 7.20 6.07 -17.83
CA HIS A 173 6.34 6.79 -18.78
C HIS A 173 6.31 6.10 -20.15
N LYS A 174 5.47 6.61 -21.03
CA LYS A 174 5.48 6.25 -22.45
C LYS A 174 5.35 7.51 -23.30
N ALA A 175 6.19 8.50 -23.01
CA ALA A 175 6.05 9.82 -23.61
C ALA A 175 6.46 9.85 -25.07
N ASN A 176 7.16 8.82 -25.56
CA ASN A 176 7.51 8.73 -26.96
C ASN A 176 6.30 8.47 -27.85
N ILE A 177 5.26 7.81 -27.32
CA ILE A 177 4.08 7.44 -28.09
C ILE A 177 2.86 8.24 -27.63
N ILE A 178 2.56 8.22 -26.33
CA ILE A 178 1.44 8.99 -25.79
C ILE A 178 2.03 10.32 -25.34
N LYS A 179 2.20 11.22 -26.32
CA LYS A 179 2.99 12.43 -26.09
C LYS A 179 2.27 13.43 -25.19
N SER A 180 0.95 13.56 -25.34
CA SER A 180 0.21 14.57 -24.59
C SER A 180 0.21 14.25 -23.09
N THR A 181 -0.43 13.15 -22.69
CA THR A 181 -0.64 12.84 -21.26
C THR A 181 0.63 12.34 -20.57
N SER A 182 1.22 11.24 -21.08
CA SER A 182 2.45 10.73 -20.47
C SER A 182 3.61 11.72 -20.63
N GLY A 183 3.61 12.50 -21.73
CA GLY A 183 4.62 13.51 -21.91
C GLY A 183 4.51 14.64 -20.89
N LEU A 184 3.28 15.06 -20.58
N LEU A 184 3.28 15.06 -20.56
CA LEU A 184 3.08 16.06 -19.52
CA LEU A 184 3.08 16.07 -19.53
C LEU A 184 3.55 15.52 -18.18
C LEU A 184 3.52 15.53 -18.16
N PHE A 185 3.21 14.27 -17.88
CA PHE A 185 3.67 13.67 -16.63
C PHE A 185 5.20 13.73 -16.53
N LEU A 186 5.88 13.36 -17.61
CA LEU A 186 7.35 13.33 -17.60
C LEU A 186 7.94 14.73 -17.50
N LYS A 187 7.37 15.70 -18.23
CA LYS A 187 7.82 17.10 -18.11
C LYS A 187 7.71 17.60 -16.68
N VAL A 188 6.57 17.30 -16.03
CA VAL A 188 6.39 17.73 -14.64
C VAL A 188 7.37 17.00 -13.73
N ALA A 189 7.56 15.69 -13.95
CA ALA A 189 8.48 14.94 -13.09
C ALA A 189 9.90 15.50 -13.15
N ARG A 190 10.37 15.84 -14.36
CA ARG A 190 11.69 16.46 -14.50
C ARG A 190 11.78 17.77 -13.72
N ASP A 191 10.75 18.61 -13.86
CA ASP A 191 10.72 19.89 -13.17
C ASP A 191 10.78 19.70 -11.65
N VAL A 192 9.95 18.80 -11.11
CA VAL A 192 9.96 18.56 -9.66
C VAL A 192 11.31 18.01 -9.20
N ALA A 193 11.92 17.13 -10.00
CA ALA A 193 13.18 16.52 -9.59
C ALA A 193 14.24 17.58 -9.33
N THR A 194 14.20 18.70 -10.07
CA THR A 194 15.24 19.71 -9.82
C THR A 194 15.20 20.29 -8.39
N GLN A 195 14.10 20.11 -7.66
CA GLN A 195 13.95 20.62 -6.29
C GLN A 195 14.52 19.67 -5.23
N TYR A 196 15.10 18.54 -5.65
CA TYR A 196 15.60 17.52 -4.72
C TYR A 196 16.97 17.05 -5.20
N PRO A 197 18.01 17.85 -5.00
CA PRO A 197 19.27 17.60 -5.72
C PRO A 197 20.00 16.32 -5.30
N GLU A 198 19.85 15.85 -4.07
CA GLU A 198 20.54 14.67 -3.58
C GLU A 198 19.79 13.36 -3.85
N ILE A 199 18.56 13.43 -4.34
CA ILE A 199 17.84 12.23 -4.76
C ILE A 199 18.09 12.04 -6.24
N GLU A 200 18.71 10.92 -6.62
CA GLU A 200 18.95 10.64 -8.02
C GLU A 200 17.63 10.53 -8.76
N PHE A 201 17.52 11.20 -9.90
CA PHE A 201 16.35 11.11 -10.76
C PHE A 201 16.67 10.30 -12.01
N GLN A 202 15.80 9.34 -12.30
CA GLN A 202 15.92 8.47 -13.46
C GLN A 202 14.61 8.49 -14.23
N GLU A 203 14.68 8.49 -15.55
CA GLU A 203 13.49 8.34 -16.40
C GLU A 203 13.61 7.00 -17.11
N MET A 204 12.50 6.27 -17.24
CA MET A 204 12.54 4.96 -17.90
C MET A 204 11.21 4.71 -18.59
N ILE A 205 11.26 4.16 -19.81
CA ILE A 205 10.05 3.82 -20.53
C ILE A 205 9.42 2.58 -19.90
N VAL A 206 8.09 2.49 -19.93
CA VAL A 206 7.39 1.49 -19.11
C VAL A 206 7.72 0.05 -19.57
N ASP A 207 7.86 -0.18 -20.88
CA ASP A 207 8.15 -1.55 -21.30
C ASP A 207 9.55 -1.98 -20.84
N ASN A 208 10.52 -1.10 -21.02
CA ASN A 208 11.88 -1.39 -20.54
C ASN A 208 11.90 -1.56 -19.03
N THR A 209 11.13 -0.73 -18.30
CA THR A 209 11.04 -0.88 -16.85
C THR A 209 10.58 -2.29 -16.46
N CYS A 210 9.56 -2.82 -17.14
CA CYS A 210 9.09 -4.15 -16.73
C CYS A 210 10.13 -5.23 -17.06
N MET A 211 10.83 -5.07 -18.20
CA MET A 211 11.92 -6.00 -18.50
C MET A 211 13.00 -5.96 -17.41
N GLN A 212 13.41 -4.75 -17.04
CA GLN A 212 14.48 -4.60 -16.05
C GLN A 212 14.04 -5.10 -14.68
N LEU A 213 12.76 -4.95 -14.34
CA LEU A 213 12.28 -5.44 -13.05
C LEU A 213 12.41 -6.95 -12.95
N VAL A 214 12.22 -7.65 -14.07
CA VAL A 214 12.46 -9.10 -13.95
C VAL A 214 13.95 -9.47 -14.07
N MET A 215 14.78 -8.65 -14.73
CA MET A 215 16.20 -9.03 -14.84
C MET A 215 17.02 -8.60 -13.63
N ARG A 216 16.74 -7.45 -13.07
CA ARG A 216 17.54 -6.94 -11.95
C ARG A 216 16.71 -5.95 -11.17
N PRO A 217 15.74 -6.46 -10.39
CA PRO A 217 14.89 -5.57 -9.58
C PRO A 217 15.68 -4.83 -8.53
N GLU A 218 16.89 -5.29 -8.22
CA GLU A 218 17.70 -4.64 -7.21
C GLU A 218 18.09 -3.22 -7.58
N GLN A 219 18.02 -2.85 -8.88
CA GLN A 219 18.41 -1.51 -9.31
C GLN A 219 17.41 -0.42 -8.94
N PHE A 220 16.19 -0.79 -8.53
CA PHE A 220 15.17 0.22 -8.29
C PHE A 220 15.05 0.53 -6.81
N ASP A 221 14.69 1.79 -6.54
CA ASP A 221 14.46 2.31 -5.21
C ASP A 221 13.00 2.73 -5.10
N ILE A 222 12.68 3.98 -5.44
CA ILE A 222 11.28 4.41 -5.54
C ILE A 222 10.94 4.55 -7.02
N ILE A 223 9.79 4.00 -7.42
CA ILE A 223 9.26 4.13 -8.78
C ILE A 223 8.01 5.00 -8.68
N VAL A 224 7.91 6.04 -9.53
CA VAL A 224 6.70 6.87 -9.55
C VAL A 224 6.12 6.91 -10.96
N THR A 225 4.80 6.78 -11.04
CA THR A 225 4.17 6.67 -12.36
C THR A 225 2.67 6.96 -12.26
N THR A 226 2.05 6.95 -13.43
CA THR A 226 0.63 7.24 -13.62
C THR A 226 -0.22 6.02 -13.25
N ASN A 227 -1.55 6.20 -13.33
CA ASN A 227 -2.47 5.30 -12.64
C ASN A 227 -2.40 3.86 -13.17
N LEU A 228 -2.66 3.68 -14.45
CA LEU A 228 -2.67 2.35 -15.05
C LEU A 228 -1.29 1.68 -14.96
N PHE A 229 -0.24 2.43 -15.33
CA PHE A 229 1.12 1.90 -15.26
C PHE A 229 1.46 1.46 -13.83
N GLY A 230 1.02 2.22 -12.82
CA GLY A 230 1.32 1.88 -11.43
C GLY A 230 0.58 0.64 -10.95
N ASP A 231 -0.69 0.49 -11.37
CA ASP A 231 -1.42 -0.74 -11.14
C ASP A 231 -0.60 -1.95 -11.58
N ILE A 232 -0.19 -1.93 -12.85
CA ILE A 232 0.57 -3.04 -13.43
C ILE A 232 1.87 -3.28 -12.68
N ILE A 233 2.67 -2.22 -12.49
CA ILE A 233 4.00 -2.41 -11.92
C ILE A 233 3.93 -2.92 -10.49
N SER A 234 2.98 -2.42 -9.69
N SER A 234 2.97 -2.44 -9.69
CA SER A 234 2.87 -2.87 -8.30
CA SER A 234 2.92 -2.88 -8.30
C SER A 234 2.62 -4.37 -8.23
C SER A 234 2.60 -4.37 -8.20
N ASP A 235 1.73 -4.88 -9.09
CA ASP A 235 1.46 -6.33 -9.02
C ASP A 235 2.61 -7.18 -9.59
N LEU A 236 3.29 -6.69 -10.64
CA LEU A 236 4.52 -7.35 -11.08
C LEU A 236 5.50 -7.49 -9.90
N CYS A 237 5.70 -6.38 -9.19
CA CYS A 237 6.66 -6.38 -8.10
C CYS A 237 6.25 -7.31 -6.99
N ALA A 238 4.93 -7.40 -6.71
CA ALA A 238 4.49 -8.39 -5.72
C ALA A 238 4.93 -9.80 -6.12
N GLY A 239 4.88 -10.10 -7.42
CA GLY A 239 5.31 -11.42 -7.86
C GLY A 239 6.79 -11.68 -7.65
N LEU A 240 7.59 -10.60 -7.63
CA LEU A 240 9.02 -10.79 -7.35
C LEU A 240 9.29 -11.30 -5.93
N VAL A 241 8.43 -10.97 -4.98
CA VAL A 241 8.72 -11.25 -3.58
C VAL A 241 7.71 -12.23 -2.98
N GLY A 242 7.14 -13.09 -3.83
CA GLY A 242 6.33 -14.20 -3.39
C GLY A 242 4.83 -14.07 -3.62
N GLY A 243 4.33 -12.89 -3.92
CA GLY A 243 2.91 -12.71 -4.06
C GLY A 243 2.32 -11.77 -3.04
N LEU A 244 0.98 -11.81 -2.94
CA LEU A 244 0.18 -10.84 -2.20
C LEU A 244 -0.02 -11.18 -0.72
N GLY A 245 0.40 -12.37 -0.28
CA GLY A 245 0.13 -12.78 1.09
C GLY A 245 0.85 -11.94 2.12
N LEU A 246 1.99 -11.35 1.77
CA LEU A 246 2.77 -10.56 2.71
C LEU A 246 2.81 -9.08 2.34
N ALA A 247 1.93 -8.60 1.47
CA ALA A 247 2.06 -7.27 0.85
C ALA A 247 1.36 -6.21 1.68
N PRO A 248 2.04 -5.14 2.07
CA PRO A 248 1.36 -3.98 2.67
C PRO A 248 0.96 -2.95 1.61
N GLY A 249 0.07 -2.04 2.00
CA GLY A 249 -0.29 -0.96 1.11
C GLY A 249 -0.74 0.28 1.87
N ALA A 250 -0.56 1.44 1.24
CA ALA A 250 -1.13 2.65 1.79
C ALA A 250 -1.82 3.46 0.71
N ASN A 251 -2.79 4.26 1.12
CA ASN A 251 -3.45 5.21 0.23
C ASN A 251 -3.51 6.54 0.94
N ILE A 252 -2.87 7.55 0.36
CA ILE A 252 -2.48 8.75 1.08
C ILE A 252 -2.97 9.99 0.31
N GLY A 253 -3.56 10.94 1.04
CA GLY A 253 -3.93 12.26 0.53
C GLY A 253 -3.44 13.35 1.45
N VAL A 254 -3.90 14.59 1.26
CA VAL A 254 -3.35 15.72 1.99
C VAL A 254 -3.77 15.68 3.46
N ASP A 255 -5.03 15.34 3.73
CA ASP A 255 -5.54 15.36 5.10
C ASP A 255 -6.01 14.01 5.63
N ALA A 256 -5.74 12.91 4.92
CA ALA A 256 -6.01 11.59 5.48
C ALA A 256 -5.09 10.58 4.80
N ALA A 257 -4.73 9.53 5.53
CA ALA A 257 -3.91 8.44 5.04
C ALA A 257 -4.37 7.12 5.67
N ILE A 258 -4.47 6.07 4.85
CA ILE A 258 -5.02 4.79 5.26
C ILE A 258 -3.99 3.71 4.97
N PHE A 259 -3.69 2.89 5.98
CA PHE A 259 -2.65 1.86 5.91
C PHE A 259 -3.26 0.48 6.14
N GLU A 260 -2.80 -0.52 5.38
CA GLU A 260 -3.47 -1.81 5.40
C GLU A 260 -2.55 -2.91 4.88
N ALA A 261 -3.04 -4.15 4.99
CA ALA A 261 -2.56 -5.28 4.22
C ALA A 261 -3.31 -5.33 2.90
N VAL A 262 -2.64 -5.83 1.86
CA VAL A 262 -3.31 -5.92 0.55
C VAL A 262 -4.29 -7.10 0.52
N HIS A 263 -4.00 -8.16 1.28
CA HIS A 263 -4.80 -9.39 1.20
C HIS A 263 -6.21 -9.21 1.75
N GLY A 264 -7.05 -10.19 1.46
CA GLY A 264 -8.43 -10.19 1.89
C GLY A 264 -8.61 -10.79 3.27
N SER A 265 -9.88 -11.01 3.63
CA SER A 265 -10.26 -11.31 5.01
C SER A 265 -10.24 -12.79 5.36
N ALA A 266 -10.00 -13.68 4.39
CA ALA A 266 -9.81 -15.11 4.61
C ALA A 266 -10.75 -15.68 5.67
N PRO A 267 -12.07 -15.59 5.47
CA PRO A 267 -13.00 -16.03 6.53
C PRO A 267 -12.90 -17.52 6.83
N ASP A 268 -12.30 -18.32 5.96
CA ASP A 268 -12.24 -19.76 6.17
C ASP A 268 -11.37 -20.12 7.37
N ILE A 269 -10.34 -19.32 7.65
CA ILE A 269 -9.45 -19.59 8.79
C ILE A 269 -9.68 -18.59 9.92
N ALA A 270 -10.73 -17.77 9.84
CA ALA A 270 -11.00 -16.77 10.87
C ALA A 270 -11.18 -17.44 12.23
N GLY A 271 -10.58 -16.83 13.25
CA GLY A 271 -10.73 -17.30 14.62
C GLY A 271 -9.84 -18.44 15.02
N GLN A 272 -9.05 -18.98 14.10
CA GLN A 272 -8.27 -20.19 14.36
C GLN A 272 -6.82 -19.89 14.74
N GLY A 273 -6.41 -18.63 14.73
CA GLY A 273 -5.05 -18.30 15.11
C GLY A 273 -4.01 -18.74 14.10
N LYS A 274 -4.42 -18.95 12.85
CA LYS A 274 -3.50 -19.36 11.82
C LYS A 274 -3.01 -18.20 10.95
N ALA A 275 -3.69 -17.06 10.99
CA ALA A 275 -3.41 -16.01 10.02
C ALA A 275 -2.02 -15.39 10.24
N ASN A 276 -1.31 -15.15 9.15
CA ASN A 276 0.00 -14.52 9.23
C ASN A 276 -0.17 -13.01 9.37
N PRO A 277 0.30 -12.39 10.45
CA PRO A 277 0.11 -10.94 10.62
C PRO A 277 1.16 -10.07 9.95
N CYS A 278 2.08 -10.65 9.19
CA CYS A 278 3.22 -9.90 8.64
C CYS A 278 2.78 -8.78 7.71
N ALA A 279 1.80 -9.04 6.84
CA ALA A 279 1.41 -8.01 5.87
C ALA A 279 0.89 -6.76 6.57
N LEU A 280 0.00 -6.95 7.55
CA LEU A 280 -0.54 -5.81 8.29
C LEU A 280 0.54 -5.16 9.15
N LEU A 281 1.44 -5.96 9.74
CA LEU A 281 2.60 -5.38 10.42
C LEU A 281 3.41 -4.47 9.51
N LEU A 282 3.62 -4.89 8.26
CA LEU A 282 4.39 -4.07 7.31
C LEU A 282 3.59 -2.85 6.88
N GLY A 283 2.25 -2.96 6.86
CA GLY A 283 1.44 -1.78 6.65
C GLY A 283 1.60 -0.79 7.79
N ALA A 284 1.69 -1.30 9.01
CA ALA A 284 1.95 -0.46 10.18
C ALA A 284 3.34 0.17 10.12
N ALA A 285 4.32 -0.55 9.58
CA ALA A 285 5.63 0.06 9.30
C ALA A 285 5.50 1.24 8.33
N GLN A 286 4.74 1.07 7.23
CA GLN A 286 4.47 2.21 6.35
C GLN A 286 3.84 3.36 7.12
N MET A 287 2.89 3.05 8.00
CA MET A 287 2.24 4.09 8.80
C MET A 287 3.26 4.81 9.66
N LEU A 288 4.17 4.07 10.28
CA LEU A 288 5.19 4.67 11.11
C LEU A 288 6.08 5.60 10.29
N ASP A 289 6.49 5.17 9.07
CA ASP A 289 7.23 6.07 8.18
C ASP A 289 6.44 7.35 7.93
N HIS A 290 5.13 7.21 7.68
CA HIS A 290 4.30 8.36 7.32
C HIS A 290 4.16 9.35 8.47
N ILE A 291 4.01 8.86 9.70
CA ILE A 291 3.79 9.75 10.84
C ILE A 291 5.10 10.20 11.48
N GLY A 292 6.24 9.84 10.91
CA GLY A 292 7.52 10.40 11.34
C GLY A 292 8.35 9.54 12.25
N GLN A 293 8.10 8.23 12.32
CA GLN A 293 8.94 7.33 13.09
C GLN A 293 9.65 6.33 12.18
N PRO A 294 10.54 6.77 11.28
CA PRO A 294 11.18 5.80 10.39
C PRO A 294 12.11 4.83 11.11
N GLN A 295 12.69 5.26 12.24
CA GLN A 295 13.60 4.38 12.96
C GLN A 295 12.84 3.19 13.52
N ASN A 296 11.61 3.42 13.98
CA ASN A 296 10.78 2.32 14.48
C ASN A 296 10.27 1.45 13.33
N ALA A 297 9.98 2.06 12.18
CA ALA A 297 9.60 1.23 11.03
C ALA A 297 10.73 0.29 10.65
N GLU A 298 11.98 0.78 10.69
CA GLU A 298 13.11 -0.06 10.35
C GLU A 298 13.34 -1.13 11.40
N ARG A 299 13.20 -0.77 12.70
CA ARG A 299 13.30 -1.76 13.76
C ARG A 299 12.31 -2.89 13.54
N LEU A 300 11.08 -2.54 13.18
CA LEU A 300 10.04 -3.54 12.92
C LEU A 300 10.40 -4.43 11.73
N ARG A 301 10.82 -3.81 10.61
CA ARG A 301 11.15 -4.62 9.43
C ARG A 301 12.33 -5.55 9.68
N GLU A 302 13.36 -5.08 10.41
CA GLU A 302 14.50 -5.95 10.65
C GLU A 302 14.15 -7.05 11.66
N ALA A 303 13.26 -6.76 12.62
CA ALA A 303 12.79 -7.80 13.52
C ALA A 303 12.02 -8.87 12.76
N ILE A 304 11.22 -8.46 11.78
CA ILE A 304 10.53 -9.44 10.96
C ILE A 304 11.53 -10.27 10.17
N VAL A 305 12.52 -9.61 9.57
CA VAL A 305 13.55 -10.35 8.83
C VAL A 305 14.22 -11.36 9.75
N ALA A 306 14.61 -10.93 10.95
CA ALA A 306 15.37 -11.78 11.86
C ALA A 306 14.53 -12.94 12.38
N THR A 307 13.24 -12.68 12.66
CA THR A 307 12.35 -13.74 13.10
C THR A 307 12.16 -14.78 12.01
N LEU A 308 12.05 -14.34 10.75
CA LEU A 308 11.93 -15.29 9.64
C LEU A 308 13.21 -16.08 9.45
N GLU A 309 14.36 -15.42 9.60
CA GLU A 309 15.65 -16.11 9.49
C GLU A 309 15.78 -17.20 10.56
N ALA A 310 15.36 -16.89 11.79
CA ALA A 310 15.45 -17.84 12.90
C ALA A 310 14.35 -18.90 12.89
N LYS A 311 13.31 -18.74 12.06
CA LYS A 311 12.16 -19.66 12.01
C LYS A 311 11.51 -19.81 13.39
N ASP A 312 11.29 -18.68 14.06
CA ASP A 312 10.82 -18.63 15.44
C ASP A 312 9.31 -18.36 15.44
N SER A 313 8.52 -19.42 15.67
CA SER A 313 7.08 -19.32 15.92
C SER A 313 6.31 -18.90 14.65
N LEU A 314 6.75 -19.38 13.49
CA LEU A 314 6.13 -19.01 12.23
C LEU A 314 4.76 -19.68 12.07
N THR A 315 3.85 -19.00 11.36
CA THR A 315 2.51 -19.52 11.13
C THR A 315 2.52 -20.61 10.04
N PRO A 316 1.41 -21.36 9.89
CA PRO A 316 1.45 -22.52 8.99
C PRO A 316 1.65 -22.18 7.52
N ASP A 317 1.24 -21.00 7.05
CA ASP A 317 1.45 -20.66 5.65
C ASP A 317 2.93 -20.69 5.29
N LEU A 318 3.79 -20.50 6.29
CA LEU A 318 5.24 -20.52 6.11
C LEU A 318 5.85 -21.82 6.62
N GLY A 319 5.05 -22.85 6.85
CA GLY A 319 5.57 -24.13 7.29
C GLY A 319 5.84 -24.28 8.76
N GLY A 320 5.43 -23.31 9.59
CA GLY A 320 5.58 -23.43 11.03
C GLY A 320 4.33 -23.96 11.68
N THR A 321 4.40 -24.14 13.01
CA THR A 321 3.25 -24.54 13.81
C THR A 321 2.84 -23.46 14.80
N GLY A 322 3.33 -22.24 14.63
CA GLY A 322 2.92 -21.17 15.51
C GLY A 322 1.57 -20.57 15.14
N ASN A 323 1.15 -19.62 15.95
CA ASN A 323 -0.13 -18.93 15.81
C ASN A 323 0.13 -17.43 15.65
N THR A 324 -0.93 -16.69 15.31
N THR A 324 -0.94 -16.71 15.32
CA THR A 324 -0.80 -15.28 14.98
CA THR A 324 -0.84 -15.30 14.98
C THR A 324 -0.12 -14.50 16.10
C THR A 324 -0.17 -14.48 16.08
N MET A 325 -0.69 -14.58 17.31
CA MET A 325 -0.12 -13.84 18.42
C MET A 325 1.28 -14.35 18.79
N GLY A 326 1.53 -15.65 18.68
CA GLY A 326 2.85 -16.17 19.00
C GLY A 326 3.92 -15.67 18.04
N PHE A 327 3.58 -15.63 16.74
CA PHE A 327 4.44 -15.05 15.73
C PHE A 327 4.70 -13.58 16.03
N ALA A 328 3.64 -12.83 16.37
CA ALA A 328 3.83 -11.42 16.74
C ALA A 328 4.75 -11.26 17.94
N LYS A 329 4.62 -12.14 18.94
CA LYS A 329 5.46 -12.02 20.13
C LYS A 329 6.91 -12.37 19.82
N ALA A 330 7.13 -13.35 18.93
CA ALA A 330 8.49 -13.65 18.48
C ALA A 330 9.10 -12.45 17.76
N ILE A 331 8.31 -11.77 16.93
CA ILE A 331 8.79 -10.54 16.27
C ILE A 331 9.14 -9.49 17.31
N ALA A 332 8.23 -9.25 18.27
CA ALA A 332 8.44 -8.20 19.26
C ALA A 332 9.66 -8.48 20.14
N SER A 333 10.01 -9.75 20.31
CA SER A 333 11.18 -10.07 21.13
C SER A 333 12.50 -9.66 20.48
N ARG A 334 12.50 -9.41 19.17
CA ARG A 334 13.71 -9.04 18.45
C ARG A 334 13.76 -7.55 18.12
N LEU A 335 12.92 -6.75 18.76
CA LEU A 335 12.91 -5.30 18.54
C LEU A 335 14.09 -4.63 19.27
C BEZ B . -1.86 5.74 -16.91
O1 BEZ B . -2.96 5.89 -16.35
O2 BEZ B . -0.88 5.14 -16.41
C1 BEZ B . -1.75 6.28 -18.30
C2 BEZ B . -2.31 7.68 -18.38
C3 BEZ B . -2.20 8.30 -19.76
C4 BEZ B . -0.88 8.07 -20.47
C5 BEZ B . -0.21 6.72 -20.18
C6 BEZ B . -0.32 6.25 -18.75
#